data_3FM2
#
_entry.id   3FM2
#
_cell.length_a   51.230
_cell.length_b   61.750
_cell.length_c   84.510
_cell.angle_alpha   90.000
_cell.angle_beta   90.000
_cell.angle_gamma   90.000
#
_symmetry.space_group_name_H-M   'P 21 21 21'
#
loop_
_entity.id
_entity.type
_entity.pdbx_description
1 polymer 'Uncharacterized protein, distantly related to a heme binding/degrading HemS (PF05171) family'
2 non-polymer 'ZINC ION'
3 non-polymer 'ACETATE ION'
4 water water
#
_entity_poly.entity_id   1
_entity_poly.type   'polypeptide(L)'
_entity_poly.pdbx_seq_one_letter_code
;G(MSE)SHSLKDFLEACETLGTLRLIVTSSAAVLEARGKIEKLFYAELAKGKYAN(MSE)HTEGFEFHLN(MSE)EKITQ
VKFETGEAKRGNFTTYAIRFLDEKQESALSLFLQWGKPGEYEPGQVEAWHTLKEKYGEVWEPLPVQL
;
_entity_poly.pdbx_strand_id   A,B
#
loop_
_chem_comp.id
_chem_comp.type
_chem_comp.name
_chem_comp.formula
ACT non-polymer 'ACETATE ION' 'C2 H3 O2 -1'
ZN non-polymer 'ZINC ION' 'Zn 2'
#
# COMPACT_ATOMS: atom_id res chain seq x y z
N MSE A 2 -16.04 -21.94 8.49
CA MSE A 2 -15.08 -22.94 9.03
C MSE A 2 -13.70 -22.31 9.13
O MSE A 2 -13.48 -21.20 8.64
CB MSE A 2 -15.08 -24.20 8.13
CG MSE A 2 -14.43 -23.97 6.76
SE MSE A 2 -15.08 -25.17 5.33
CE MSE A 2 -14.77 -26.95 6.22
N SER A 3 -12.77 -23.01 9.78
CA SER A 3 -11.41 -22.50 9.98
C SER A 3 -10.37 -23.23 9.13
N HIS A 4 -9.39 -22.48 8.64
CA HIS A 4 -8.30 -23.02 7.84
C HIS A 4 -6.98 -22.29 8.12
N SER A 5 -5.89 -22.89 7.66
CA SER A 5 -4.56 -22.30 7.79
C SER A 5 -4.38 -21.13 6.83
N LEU A 6 -4.13 -19.95 7.39
CA LEU A 6 -3.88 -18.77 6.60
C LEU A 6 -2.59 -18.96 5.79
N LYS A 7 -1.60 -19.64 6.36
CA LYS A 7 -0.38 -19.91 5.62
C LYS A 7 -0.72 -20.72 4.36
N ASP A 8 -1.41 -21.85 4.51
CA ASP A 8 -1.77 -22.69 3.37
C ASP A 8 -2.59 -21.88 2.36
N PHE A 9 -3.48 -21.02 2.86
CA PHE A 9 -4.31 -20.20 1.96
C PHE A 9 -3.46 -19.26 1.11
N LEU A 10 -2.50 -18.57 1.74
CA LEU A 10 -1.64 -17.65 1.01
C LEU A 10 -0.80 -18.39 -0.03
N GLU A 11 -0.34 -19.59 0.31
CA GLU A 11 0.39 -20.42 -0.64
C GLU A 11 -0.51 -20.81 -1.82
N ALA A 12 -1.78 -21.09 -1.51
CA ALA A 12 -2.77 -21.44 -2.52
C ALA A 12 -3.10 -20.26 -3.45
N CYS A 13 -2.93 -19.04 -2.97
CA CYS A 13 -3.16 -17.84 -3.78
C CYS A 13 -2.24 -17.75 -4.99
N GLU A 14 -1.15 -18.53 -4.99
CA GLU A 14 -0.27 -18.55 -6.15
C GLU A 14 -1.04 -19.02 -7.39
N THR A 15 -2.09 -19.81 -7.19
CA THR A 15 -2.92 -20.29 -8.30
C THR A 15 -3.80 -19.21 -8.95
N LEU A 16 -3.90 -18.04 -8.32
CA LEU A 16 -4.76 -16.96 -8.81
C LEU A 16 -4.13 -16.02 -9.86
N GLY A 17 -2.90 -16.28 -10.26
CA GLY A 17 -2.22 -15.45 -11.25
C GLY A 17 -1.95 -14.05 -10.73
N THR A 18 -1.94 -13.08 -11.64
CA THR A 18 -1.61 -11.71 -11.28
C THR A 18 -2.70 -11.06 -10.43
N LEU A 19 -2.30 -10.58 -9.25
CA LEU A 19 -3.23 -9.93 -8.36
C LEU A 19 -2.90 -8.46 -8.23
N ARG A 20 -3.82 -7.76 -7.59
CA ARG A 20 -3.66 -6.36 -7.26
C ARG A 20 -3.76 -6.35 -5.74
N LEU A 21 -2.63 -6.05 -5.09
CA LEU A 21 -2.53 -6.02 -3.64
C LEU A 21 -2.87 -4.63 -3.17
N ILE A 22 -3.90 -4.53 -2.34
CA ILE A 22 -4.36 -3.25 -1.84
C ILE A 22 -4.27 -3.13 -0.32
N VAL A 23 -3.51 -2.15 0.12
CA VAL A 23 -3.37 -1.86 1.55
C VAL A 23 -3.79 -0.43 1.76
N THR A 24 -4.67 -0.25 2.74
CA THR A 24 -5.23 1.03 3.05
C THR A 24 -4.92 1.42 4.49
N SER A 25 -4.48 2.65 4.66
CA SER A 25 -4.26 3.20 5.99
C SER A 25 -5.49 4.04 6.30
N SER A 26 -5.37 4.96 7.26
CA SER A 26 -6.50 5.83 7.58
C SER A 26 -6.80 6.82 6.45
N ALA A 27 -5.77 7.19 5.68
CA ALA A 27 -5.92 8.20 4.63
C ALA A 27 -5.28 7.90 3.28
N ALA A 28 -4.61 6.76 3.12
CA ALA A 28 -3.95 6.44 1.86
C ALA A 28 -4.24 5.04 1.41
N VAL A 29 -4.15 4.85 0.09
CA VAL A 29 -4.36 3.55 -0.51
C VAL A 29 -3.20 3.31 -1.46
N LEU A 30 -2.59 2.14 -1.35
CA LEU A 30 -1.51 1.75 -2.25
C LEU A 30 -1.95 0.44 -2.88
N GLU A 31 -1.82 0.35 -4.20
CA GLU A 31 -2.23 -0.84 -4.94
C GLU A 31 -1.05 -1.26 -5.77
N ALA A 32 -0.59 -2.49 -5.60
CA ALA A 32 0.56 -2.97 -6.34
C ALA A 32 0.17 -4.22 -7.11
N ARG A 33 0.68 -4.34 -8.33
CA ARG A 33 0.36 -5.46 -9.20
C ARG A 33 1.42 -6.54 -9.01
N GLY A 34 0.99 -7.79 -8.85
CA GLY A 34 1.92 -8.91 -8.76
C GLY A 34 1.27 -10.20 -8.33
N LYS A 35 1.94 -11.31 -8.62
CA LYS A 35 1.44 -12.62 -8.19
C LYS A 35 1.84 -12.80 -6.74
N ILE A 36 1.07 -13.59 -6.01
CA ILE A 36 1.39 -13.93 -4.65
C ILE A 36 2.21 -15.21 -4.81
N GLU A 37 3.53 -15.03 -4.87
CA GLU A 37 4.47 -16.12 -5.07
C GLU A 37 5.73 -15.80 -4.27
N LYS A 38 6.58 -16.81 -4.11
CA LYS A 38 7.84 -16.66 -3.38
C LYS A 38 7.64 -16.05 -2.00
N LEU A 39 6.59 -16.49 -1.33
CA LEU A 39 6.31 -16.01 0.03
C LEU A 39 7.35 -16.53 0.98
N PHE A 40 7.72 -15.72 1.95
CA PHE A 40 8.62 -16.17 3.01
C PHE A 40 8.00 -15.71 4.31
N TYR A 41 8.26 -16.46 5.37
CA TYR A 41 7.66 -16.22 6.65
C TYR A 41 8.71 -15.91 7.67
N ALA A 42 8.36 -15.09 8.64
CA ALA A 42 9.30 -14.78 9.70
C ALA A 42 8.52 -14.40 10.93
N GLU A 43 9.04 -14.80 12.09
CA GLU A 43 8.42 -14.39 13.32
C GLU A 43 9.15 -13.18 13.85
N LEU A 44 8.43 -12.05 13.88
CA LEU A 44 8.96 -10.81 14.39
C LEU A 44 8.42 -10.60 15.79
N ALA A 45 8.88 -9.56 16.48
CA ALA A 45 8.44 -9.28 17.84
C ALA A 45 6.93 -9.16 17.93
N LYS A 46 6.34 -8.54 16.92
CA LYS A 46 4.89 -8.30 16.87
C LYS A 46 4.08 -9.48 16.34
N GLY A 47 4.73 -10.53 15.83
CA GLY A 47 4.02 -11.71 15.37
C GLY A 47 4.61 -12.38 14.16
N LYS A 48 3.90 -13.42 13.70
CA LYS A 48 4.30 -14.21 12.55
C LYS A 48 3.81 -13.50 11.30
N TYR A 49 4.75 -13.22 10.41
CA TYR A 49 4.49 -12.49 9.17
C TYR A 49 4.67 -13.32 7.92
N ALA A 50 3.80 -13.04 6.93
CA ALA A 50 3.97 -13.53 5.59
C ALA A 50 4.58 -12.32 4.87
N ASN A 51 5.50 -12.58 3.97
CA ASN A 51 6.20 -11.52 3.27
C ASN A 51 6.50 -11.87 1.80
N MSE A 52 6.70 -10.83 1.01
CA MSE A 52 7.18 -10.94 -0.37
C MSE A 52 8.11 -9.79 -0.67
O MSE A 52 7.92 -8.68 -0.16
CB MSE A 52 6.07 -10.88 -1.41
CG MSE A 52 5.35 -12.12 -1.62
SE MSE A 52 4.10 -11.81 -3.10
CE MSE A 52 5.10 -11.65 -4.40
N HIS A 53 9.10 -10.05 -1.50
CA HIS A 53 10.03 -9.05 -1.98
C HIS A 53 10.11 -9.20 -3.49
N THR A 54 9.79 -8.13 -4.22
CA THR A 54 9.93 -8.09 -5.68
C THR A 54 10.73 -6.84 -5.96
N GLU A 55 11.12 -6.63 -7.21
CA GLU A 55 11.87 -5.43 -7.56
C GLU A 55 11.01 -4.19 -7.37
N GLY A 56 9.74 -4.30 -7.73
CA GLY A 56 8.79 -3.19 -7.64
C GLY A 56 8.19 -2.91 -6.28
N PHE A 57 8.09 -3.92 -5.41
CA PHE A 57 7.52 -3.72 -4.08
C PHE A 57 7.87 -4.79 -3.06
N GLU A 58 7.70 -4.44 -1.78
CA GLU A 58 7.89 -5.37 -0.68
C GLU A 58 6.55 -5.42 0.04
N PHE A 59 6.18 -6.59 0.56
CA PHE A 59 4.89 -6.80 1.20
C PHE A 59 5.07 -7.56 2.50
N HIS A 60 4.34 -7.12 3.54
CA HIS A 60 4.38 -7.77 4.85
C HIS A 60 2.97 -7.85 5.40
N LEU A 61 2.60 -9.04 5.90
CA LEU A 61 1.27 -9.24 6.49
C LEU A 61 1.43 -9.88 7.87
N ASN A 62 0.86 -9.26 8.90
CA ASN A 62 0.90 -9.84 10.22
C ASN A 62 -0.27 -10.82 10.24
N MSE A 63 0.06 -12.10 10.06
CA MSE A 63 -0.95 -13.14 9.98
C MSE A 63 -1.80 -13.27 11.24
O MSE A 63 -2.98 -13.60 11.16
CB MSE A 63 -0.31 -14.47 9.61
CG MSE A 63 0.21 -14.49 8.20
SE MSE A 63 1.01 -16.21 7.76
CE MSE A 63 2.19 -16.07 8.56
N GLU A 64 -1.22 -12.98 12.40
CA GLU A 64 -1.93 -13.14 13.66
C GLU A 64 -3.03 -12.09 13.89
N LYS A 65 -3.09 -11.06 13.05
CA LYS A 65 -4.09 -10.01 13.20
C LYS A 65 -5.33 -10.18 12.31
N ILE A 66 -5.33 -11.19 11.47
CA ILE A 66 -6.44 -11.45 10.57
C ILE A 66 -7.42 -12.39 11.24
N THR A 67 -8.66 -11.92 11.43
CA THR A 67 -9.69 -12.69 12.10
C THR A 67 -10.66 -13.37 11.13
N GLN A 68 -10.76 -12.84 9.92
CA GLN A 68 -11.66 -13.39 8.93
C GLN A 68 -11.20 -13.06 7.51
N VAL A 69 -11.53 -13.95 6.58
CA VAL A 69 -11.19 -13.77 5.17
C VAL A 69 -12.47 -13.98 4.38
N LYS A 70 -12.76 -13.05 3.47
CA LYS A 70 -13.97 -13.09 2.66
C LYS A 70 -13.73 -12.98 1.16
N PHE A 71 -14.39 -13.83 0.39
CA PHE A 71 -14.38 -13.73 -1.06
C PHE A 71 -15.54 -12.84 -1.49
N GLU A 72 -15.28 -11.87 -2.37
CA GLU A 72 -16.34 -10.97 -2.86
C GLU A 72 -16.21 -10.63 -4.33
N THR A 73 -17.31 -10.77 -5.06
CA THR A 73 -17.37 -10.33 -6.45
C THR A 73 -17.96 -8.93 -6.34
N GLY A 74 -17.35 -7.97 -7.02
CA GLY A 74 -17.84 -6.60 -6.99
C GLY A 74 -17.96 -6.06 -8.40
N GLU A 75 -18.19 -4.76 -8.50
CA GLU A 75 -18.27 -4.09 -9.79
C GLU A 75 -17.37 -2.87 -9.71
N ALA A 76 -16.53 -2.70 -10.73
CA ALA A 76 -15.61 -1.57 -10.76
C ALA A 76 -16.36 -0.28 -11.01
N LYS A 77 -15.89 0.78 -10.34
CA LYS A 77 -16.47 2.12 -10.51
C LYS A 77 -16.33 2.58 -11.96
N ARG A 78 -15.09 2.61 -12.45
CA ARG A 78 -14.77 3.02 -13.81
C ARG A 78 -14.66 1.76 -14.67
N GLY A 79 -15.68 1.51 -15.48
CA GLY A 79 -15.69 0.35 -16.37
C GLY A 79 -16.98 -0.45 -16.22
N ASN A 80 -17.50 -0.48 -15.00
CA ASN A 80 -18.71 -1.21 -14.71
C ASN A 80 -18.51 -2.71 -14.97
N PHE A 81 -17.29 -3.18 -14.71
CA PHE A 81 -16.95 -4.58 -14.93
C PHE A 81 -16.84 -5.29 -13.60
N THR A 82 -16.99 -6.61 -13.63
CA THR A 82 -16.95 -7.40 -12.42
C THR A 82 -15.54 -7.60 -11.86
N THR A 83 -15.42 -7.40 -10.55
CA THR A 83 -14.16 -7.56 -9.85
C THR A 83 -14.26 -8.76 -8.92
N TYR A 84 -13.11 -9.32 -8.56
CA TYR A 84 -13.01 -10.49 -7.72
C TYR A 84 -11.97 -10.20 -6.66
N ALA A 85 -12.43 -10.15 -5.41
CA ALA A 85 -11.59 -9.78 -4.28
C ALA A 85 -11.58 -10.78 -3.14
N ILE A 86 -10.48 -10.79 -2.41
CA ILE A 86 -10.32 -11.56 -1.20
C ILE A 86 -9.92 -10.49 -0.18
N ARG A 87 -10.73 -10.34 0.86
CA ARG A 87 -10.49 -9.33 1.89
C ARG A 87 -10.05 -10.01 3.17
N PHE A 88 -8.99 -9.51 3.77
CA PHE A 88 -8.44 -10.04 5.01
C PHE A 88 -8.83 -9.06 6.10
N LEU A 89 -9.80 -9.44 6.93
CA LEU A 89 -10.32 -8.55 7.96
C LEU A 89 -9.58 -8.67 9.28
N ASP A 90 -9.51 -7.56 10.00
CA ASP A 90 -8.89 -7.52 11.33
C ASP A 90 -10.01 -7.63 12.39
N GLU A 91 -9.66 -7.40 13.66
CA GLU A 91 -10.65 -7.50 14.74
C GLU A 91 -11.72 -6.41 14.72
N LYS A 92 -11.52 -5.36 13.95
CA LYS A 92 -12.52 -4.31 13.79
C LYS A 92 -13.41 -4.59 12.56
N GLN A 93 -13.20 -5.74 11.92
CA GLN A 93 -13.91 -6.13 10.69
C GLN A 93 -13.61 -5.16 9.55
N GLU A 94 -12.41 -4.60 9.59
CA GLU A 94 -11.94 -3.67 8.59
C GLU A 94 -10.91 -4.44 7.78
N SER A 95 -10.86 -4.17 6.48
CA SER A 95 -9.95 -4.87 5.60
C SER A 95 -8.54 -4.33 5.82
N ALA A 96 -7.63 -5.23 6.22
CA ALA A 96 -6.23 -4.88 6.43
C ALA A 96 -5.45 -5.16 5.14
N LEU A 97 -6.08 -5.89 4.23
CA LEU A 97 -5.48 -6.24 2.96
C LEU A 97 -6.59 -6.75 2.04
N SER A 98 -6.58 -6.30 0.79
CA SER A 98 -7.48 -6.87 -0.23
C SER A 98 -6.62 -7.32 -1.38
N LEU A 99 -6.94 -8.52 -1.91
CA LEU A 99 -6.26 -9.07 -3.07
C LEU A 99 -7.32 -9.15 -4.15
N PHE A 100 -7.13 -8.38 -5.22
CA PHE A 100 -8.05 -8.44 -6.34
C PHE A 100 -7.38 -9.17 -7.48
N LEU A 101 -8.17 -9.90 -8.26
CA LEU A 101 -7.63 -10.44 -9.50
C LEU A 101 -7.29 -9.20 -10.34
N GLN A 102 -6.12 -9.19 -10.94
CA GLN A 102 -5.73 -8.04 -11.75
C GLN A 102 -6.28 -8.19 -13.17
N TRP A 103 -7.07 -7.20 -13.56
CA TRP A 103 -7.66 -7.14 -14.90
C TRP A 103 -6.63 -6.54 -15.86
N GLY A 104 -6.76 -6.88 -17.15
CA GLY A 104 -5.94 -6.30 -18.20
C GLY A 104 -6.80 -5.16 -18.71
N LYS A 105 -7.52 -5.41 -19.81
CA LYS A 105 -8.55 -4.48 -20.27
C LYS A 105 -9.69 -4.65 -19.26
N PRO A 106 -10.66 -3.72 -19.24
CA PRO A 106 -11.76 -3.86 -18.27
C PRO A 106 -12.47 -5.20 -18.37
N GLY A 107 -12.54 -5.92 -17.26
CA GLY A 107 -13.20 -7.23 -17.22
C GLY A 107 -12.39 -8.37 -17.81
N GLU A 108 -11.17 -8.09 -18.27
CA GLU A 108 -10.31 -9.10 -18.86
C GLU A 108 -9.36 -9.67 -17.83
N TYR A 109 -9.39 -10.99 -17.71
CA TYR A 109 -8.53 -11.68 -16.79
C TYR A 109 -7.69 -12.71 -17.53
N GLU A 110 -6.75 -13.33 -16.82
CA GLU A 110 -5.86 -14.32 -17.40
C GLU A 110 -6.64 -15.63 -17.59
N PRO A 111 -6.25 -16.45 -18.58
CA PRO A 111 -6.94 -17.71 -18.80
C PRO A 111 -6.98 -18.57 -17.54
N GLY A 112 -8.17 -19.03 -17.17
CA GLY A 112 -8.36 -19.89 -16.01
C GLY A 112 -8.35 -19.17 -14.66
N GLN A 113 -8.05 -17.88 -14.70
CA GLN A 113 -7.88 -17.10 -13.48
C GLN A 113 -9.16 -16.97 -12.65
N VAL A 114 -10.26 -16.62 -13.28
CA VAL A 114 -11.53 -16.45 -12.57
C VAL A 114 -12.03 -17.79 -12.07
N GLU A 115 -11.84 -18.84 -12.88
CA GLU A 115 -12.21 -20.18 -12.46
C GLU A 115 -11.38 -20.61 -11.25
N ALA A 116 -10.11 -20.22 -11.22
CA ALA A 116 -9.21 -20.53 -10.12
C ALA A 116 -9.70 -19.86 -8.84
N TRP A 117 -10.20 -18.64 -8.98
CA TRP A 117 -10.76 -17.88 -7.85
C TRP A 117 -11.99 -18.62 -7.29
N HIS A 118 -12.89 -19.05 -8.17
CA HIS A 118 -14.07 -19.79 -7.72
C HIS A 118 -13.67 -21.11 -7.06
N THR A 119 -12.64 -21.76 -7.59
CA THR A 119 -12.17 -23.03 -7.03
C THR A 119 -11.64 -22.82 -5.61
N LEU A 120 -10.86 -21.77 -5.42
CA LEU A 120 -10.31 -21.45 -4.11
C LEU A 120 -11.44 -21.12 -3.15
N LYS A 121 -12.44 -20.39 -3.65
CA LYS A 121 -13.62 -20.01 -2.85
C LYS A 121 -14.41 -21.25 -2.40
N GLU A 122 -14.54 -22.21 -3.30
CA GLU A 122 -15.27 -23.44 -2.99
C GLU A 122 -14.52 -24.27 -1.95
N LYS A 123 -13.20 -24.31 -2.09
CA LYS A 123 -12.35 -25.08 -1.20
C LYS A 123 -12.31 -24.49 0.21
N TYR A 124 -12.15 -23.17 0.32
CA TYR A 124 -12.06 -22.50 1.63
C TYR A 124 -13.36 -21.97 2.22
N GLY A 125 -14.31 -21.63 1.36
CA GLY A 125 -15.58 -21.06 1.78
C GLY A 125 -15.60 -19.57 1.50
N GLU A 126 -16.78 -19.02 1.25
CA GLU A 126 -16.93 -17.57 0.97
C GLU A 126 -16.45 -16.70 2.12
N VAL A 127 -16.61 -17.21 3.33
CA VAL A 127 -16.13 -16.56 4.53
C VAL A 127 -15.54 -17.68 5.39
N TRP A 128 -14.32 -17.48 5.87
CA TRP A 128 -13.66 -18.45 6.73
C TRP A 128 -12.75 -17.71 7.71
N GLU A 129 -12.32 -18.41 8.75
CA GLU A 129 -11.50 -17.83 9.80
C GLU A 129 -10.16 -18.54 9.93
N PRO A 130 -9.08 -17.78 10.07
CA PRO A 130 -7.83 -18.49 10.26
C PRO A 130 -7.74 -19.30 11.56
N LEU A 131 -7.03 -20.41 11.49
CA LEU A 131 -6.70 -21.20 12.66
C LEU A 131 -5.57 -20.42 13.36
N PRO A 132 -5.28 -20.76 14.63
CA PRO A 132 -4.10 -20.14 15.24
C PRO A 132 -2.92 -20.32 14.27
N VAL A 133 -2.21 -19.23 14.03
CA VAL A 133 -1.15 -19.25 13.03
C VAL A 133 0.03 -20.14 13.40
N GLN A 134 0.38 -21.03 12.46
CA GLN A 134 1.54 -21.88 12.59
C GLN A 134 2.15 -22.03 11.20
N LEU A 135 3.47 -22.05 11.14
CA LEU A 135 4.20 -22.18 9.89
C LEU A 135 4.50 -23.65 9.63
N MSE B 2 4.04 26.62 10.75
N MSE B 2 3.73 27.91 9.80
CA MSE B 2 4.11 26.60 9.26
CA MSE B 2 4.14 26.61 9.22
C MSE B 2 2.91 25.87 8.67
C MSE B 2 2.95 25.85 8.61
O MSE B 2 2.61 24.75 9.07
O MSE B 2 2.69 24.69 8.96
CB MSE B 2 5.40 25.92 8.80
CB MSE B 2 4.84 25.74 10.28
CG MSE B 2 6.68 26.62 9.24
CG MSE B 2 4.04 25.54 11.55
SE MSE B 2 6.86 28.40 8.49
SE MSE B 2 4.63 23.98 12.55
CE MSE B 2 8.58 28.89 9.28
CE MSE B 2 3.31 24.07 14.00
N SER B 3 2.23 26.53 7.73
CA SER B 3 1.07 25.93 7.02
C SER B 3 1.30 26.08 5.52
N HIS B 4 1.15 24.98 4.78
CA HIS B 4 1.37 25.01 3.33
C HIS B 4 0.36 24.14 2.61
N SER B 5 0.30 24.30 1.29
CA SER B 5 -0.58 23.51 0.44
C SER B 5 -0.04 22.08 0.30
N LEU B 6 -0.83 21.10 0.74
CA LEU B 6 -0.45 19.70 0.61
C LEU B 6 -0.38 19.32 -0.87
N LYS B 7 -1.25 19.91 -1.68
CA LYS B 7 -1.23 19.67 -3.13
C LYS B 7 0.13 20.10 -3.71
N ASP B 8 0.55 21.33 -3.40
CA ASP B 8 1.84 21.85 -3.87
C ASP B 8 2.99 20.95 -3.43
N PHE B 9 2.91 20.50 -2.17
CA PHE B 9 3.96 19.66 -1.59
C PHE B 9 4.05 18.31 -2.28
N LEU B 10 2.91 17.67 -2.48
CA LEU B 10 2.89 16.38 -3.17
C LEU B 10 3.52 16.49 -4.54
N GLU B 11 3.11 17.49 -5.31
CA GLU B 11 3.67 17.72 -6.63
C GLU B 11 5.17 17.96 -6.54
N ALA B 12 5.60 18.67 -5.50
CA ALA B 12 7.02 18.98 -5.29
C ALA B 12 7.85 17.72 -5.01
N CYS B 13 7.23 16.66 -4.50
CA CYS B 13 7.95 15.41 -4.24
C CYS B 13 8.48 14.76 -5.53
N GLU B 14 8.04 15.25 -6.68
CA GLU B 14 8.60 14.80 -7.95
C GLU B 14 10.11 15.05 -8.00
N THR B 15 10.56 16.09 -7.30
CA THR B 15 11.99 16.42 -7.27
C THR B 15 12.84 15.43 -6.46
N LEU B 16 12.20 14.51 -5.75
CA LEU B 16 12.93 13.56 -4.91
C LEU B 16 13.38 12.30 -5.65
N GLY B 17 13.02 12.19 -6.93
CA GLY B 17 13.40 11.03 -7.72
C GLY B 17 12.70 9.77 -7.26
N THR B 18 13.40 8.65 -7.33
CA THR B 18 12.82 7.37 -6.94
C THR B 18 12.57 7.33 -5.43
N LEU B 19 11.36 6.93 -5.07
CA LEU B 19 10.95 6.85 -3.70
C LEU B 19 10.46 5.46 -3.39
N ARG B 20 10.44 5.15 -2.10
CA ARG B 20 9.81 3.95 -1.58
C ARG B 20 8.54 4.49 -0.89
N LEU B 21 7.37 4.20 -1.44
CA LEU B 21 6.10 4.65 -0.87
C LEU B 21 5.58 3.56 0.04
N ILE B 22 5.27 3.92 1.29
CA ILE B 22 4.85 2.95 2.29
C ILE B 22 3.50 3.29 2.89
N VAL B 23 2.57 2.34 2.77
CA VAL B 23 1.25 2.48 3.36
C VAL B 23 1.02 1.24 4.23
N THR B 24 0.55 1.47 5.45
CA THR B 24 0.34 0.44 6.45
C THR B 24 -1.10 0.43 6.93
N SER B 25 -1.68 -0.76 7.01
CA SER B 25 -3.00 -0.91 7.58
C SER B 25 -2.80 -1.43 9.00
N SER B 26 -3.85 -1.98 9.63
CA SER B 26 -3.70 -2.52 10.96
C SER B 26 -2.84 -3.78 10.97
N ALA B 27 -2.73 -4.45 9.82
CA ALA B 27 -2.02 -5.72 9.74
C ALA B 27 -1.10 -5.94 8.56
N ALA B 28 -1.10 -5.05 7.58
CA ALA B 28 -0.26 -5.21 6.38
C ALA B 28 0.53 -3.96 6.04
N VAL B 29 1.60 -4.18 5.29
CA VAL B 29 2.45 -3.10 4.79
C VAL B 29 2.75 -3.37 3.33
N LEU B 30 2.65 -2.34 2.52
CA LEU B 30 3.00 -2.42 1.12
C LEU B 30 4.02 -1.31 0.92
N GLU B 31 5.18 -1.66 0.37
CA GLU B 31 6.28 -0.70 0.15
C GLU B 31 6.60 -0.72 -1.33
N ALA B 32 6.15 0.31 -2.05
CA ALA B 32 6.26 0.38 -3.51
C ALA B 32 7.34 1.34 -3.97
N ARG B 33 8.08 0.92 -4.99
CA ARG B 33 9.17 1.69 -5.55
C ARG B 33 8.69 2.51 -6.75
N GLY B 34 8.88 3.82 -6.70
CA GLY B 34 8.47 4.67 -7.81
C GLY B 34 8.73 6.15 -7.59
N LYS B 35 8.50 6.92 -8.64
CA LYS B 35 8.67 8.36 -8.59
C LYS B 35 7.29 9.01 -8.55
N ILE B 36 7.16 10.09 -7.79
CA ILE B 36 5.90 10.82 -7.77
C ILE B 36 5.88 11.76 -8.96
N GLU B 37 4.88 11.62 -9.79
CA GLU B 37 4.72 12.41 -10.98
C GLU B 37 3.35 12.13 -11.58
N LYS B 38 2.90 13.06 -12.41
CA LYS B 38 1.62 12.95 -13.10
C LYS B 38 0.48 12.71 -12.11
N LEU B 39 0.42 13.57 -11.08
CA LEU B 39 -0.65 13.47 -10.10
C LEU B 39 -1.94 14.04 -10.67
N PHE B 40 -3.06 13.40 -10.35
CA PHE B 40 -4.36 13.92 -10.73
C PHE B 40 -5.24 13.92 -9.48
N TYR B 41 -6.21 14.84 -9.47
CA TYR B 41 -7.06 15.07 -8.32
C TYR B 41 -8.53 14.81 -8.60
N ALA B 42 -9.23 14.39 -7.55
CA ALA B 42 -10.65 14.11 -7.66
C ALA B 42 -11.30 14.24 -6.29
N GLU B 43 -12.50 14.78 -6.27
CA GLU B 43 -13.25 14.88 -5.04
C GLU B 43 -14.35 13.84 -5.02
N LEU B 44 -14.47 13.14 -3.90
CA LEU B 44 -15.50 12.14 -3.69
C LEU B 44 -16.15 12.43 -2.35
N ALA B 45 -17.14 11.63 -1.97
CA ALA B 45 -17.81 11.80 -0.70
C ALA B 45 -16.84 11.68 0.47
N LYS B 46 -16.02 10.65 0.44
CA LYS B 46 -15.05 10.37 1.50
C LYS B 46 -13.92 11.38 1.63
N GLY B 47 -13.64 12.12 0.56
CA GLY B 47 -12.56 13.10 0.61
C GLY B 47 -12.11 13.69 -0.72
N LYS B 48 -11.02 14.44 -0.64
CA LYS B 48 -10.40 15.12 -1.77
C LYS B 48 -9.08 14.39 -1.96
N TYR B 49 -8.98 13.66 -3.08
CA TYR B 49 -7.84 12.80 -3.33
C TYR B 49 -6.81 13.25 -4.34
N ALA B 50 -5.55 12.99 -4.00
CA ALA B 50 -4.42 13.11 -4.91
C ALA B 50 -4.22 11.67 -5.38
N ASN B 51 -4.03 11.47 -6.68
CA ASN B 51 -3.94 10.13 -7.26
C ASN B 51 -2.80 9.96 -8.26
N MSE B 52 -2.30 8.73 -8.35
CA MSE B 52 -1.27 8.35 -9.31
C MSE B 52 -1.48 6.97 -9.86
O MSE B 52 -1.85 6.06 -9.12
CB MSE B 52 0.09 8.29 -8.66
CG MSE B 52 0.89 9.52 -8.71
SE MSE B 52 2.69 8.94 -8.38
CE MSE B 52 3.07 8.09 -9.96
N HIS B 53 -1.19 6.80 -11.15
CA HIS B 53 -1.28 5.51 -11.80
C HIS B 53 0.03 5.27 -12.55
N THR B 54 0.84 4.32 -12.05
CA THR B 54 2.09 3.93 -12.71
C THR B 54 1.87 2.51 -13.22
N GLU B 55 2.89 1.97 -13.88
CA GLU B 55 2.81 0.61 -14.43
C GLU B 55 2.65 -0.45 -13.33
N GLY B 56 3.48 -0.35 -12.30
CA GLY B 56 3.46 -1.33 -11.22
C GLY B 56 2.50 -1.06 -10.07
N PHE B 57 2.11 0.20 -9.88
CA PHE B 57 1.22 0.53 -8.76
C PHE B 57 0.35 1.76 -8.95
N GLU B 58 -0.67 1.84 -8.10
CA GLU B 58 -1.58 2.96 -8.09
C GLU B 58 -1.58 3.49 -6.67
N PHE B 59 -1.74 4.80 -6.54
CA PHE B 59 -1.66 5.45 -5.25
C PHE B 59 -2.76 6.50 -5.08
N HIS B 60 -3.36 6.54 -3.90
CA HIS B 60 -4.39 7.53 -3.58
C HIS B 60 -4.15 8.07 -2.19
N LEU B 61 -4.26 9.39 -2.06
CA LEU B 61 -4.12 10.04 -0.76
C LEU B 61 -5.31 10.94 -0.49
N ASN B 62 -5.99 10.68 0.62
CA ASN B 62 -7.11 11.54 1.04
C ASN B 62 -6.45 12.71 1.75
N MSE B 63 -6.22 13.78 1.00
CA MSE B 63 -5.53 14.95 1.52
C MSE B 63 -6.18 15.61 2.72
O MSE B 63 -5.50 16.19 3.55
CB MSE B 63 -5.33 15.96 0.40
CG MSE B 63 -4.29 15.48 -0.60
SE MSE B 63 -4.04 16.82 -1.97
CE MSE B 63 -5.58 16.61 -2.81
N GLU B 64 -7.50 15.55 2.80
CA GLU B 64 -8.23 16.14 3.91
C GLU B 64 -7.96 15.50 5.28
N LYS B 65 -7.51 14.26 5.27
CA LYS B 65 -7.24 13.56 6.52
C LYS B 65 -5.82 13.77 7.06
N ILE B 66 -4.96 14.40 6.27
CA ILE B 66 -3.58 14.63 6.71
C ILE B 66 -3.52 15.92 7.52
N THR B 67 -3.10 15.79 8.77
CA THR B 67 -3.05 16.92 9.70
C THR B 67 -1.65 17.51 9.85
N GLN B 68 -0.62 16.71 9.55
CA GLN B 68 0.74 17.17 9.73
C GLN B 68 1.68 16.36 8.86
N VAL B 69 2.76 16.99 8.41
CA VAL B 69 3.77 16.33 7.58
C VAL B 69 5.12 16.56 8.28
N LYS B 70 5.91 15.50 8.44
CA LYS B 70 7.20 15.58 9.14
C LYS B 70 8.33 14.97 8.33
N PHE B 71 9.48 15.62 8.35
CA PHE B 71 10.69 15.10 7.72
C PHE B 71 11.42 14.30 8.80
N GLU B 72 12.08 13.22 8.41
CA GLU B 72 12.75 12.37 9.38
C GLU B 72 13.92 11.63 8.75
N THR B 73 15.02 11.50 9.49
CA THR B 73 16.16 10.72 9.02
C THR B 73 16.31 9.54 9.98
N GLY B 74 16.94 8.49 9.48
CA GLY B 74 17.17 7.28 10.26
C GLY B 74 18.45 6.61 9.81
N GLU B 75 18.71 5.43 10.35
CA GLU B 75 19.89 4.62 10.00
C GLU B 75 19.38 3.33 9.37
N ALA B 76 20.01 2.92 8.27
CA ALA B 76 19.60 1.72 7.54
C ALA B 76 19.64 0.46 8.42
N GLY B 79 22.89 -1.64 6.32
CA GLY B 79 24.19 -1.02 6.01
C GLY B 79 24.45 0.22 6.84
N ASN B 80 25.65 0.79 6.66
CA ASN B 80 26.05 1.99 7.39
C ASN B 80 25.71 3.28 6.64
N PHE B 81 24.41 3.60 6.55
CA PHE B 81 23.99 4.83 5.87
C PHE B 81 22.68 5.43 6.39
N THR B 82 22.47 6.69 6.06
CA THR B 82 21.31 7.45 6.49
C THR B 82 20.10 7.28 5.58
N THR B 83 18.92 7.22 6.19
CA THR B 83 17.65 7.10 5.47
C THR B 83 16.95 8.45 5.59
N TYR B 84 16.16 8.79 4.58
CA TYR B 84 15.50 10.08 4.51
C TYR B 84 14.01 9.86 4.24
N ALA B 85 13.18 10.27 5.19
CA ALA B 85 11.76 10.02 5.10
C ALA B 85 10.88 11.26 5.26
N ILE B 86 9.67 11.17 4.73
CA ILE B 86 8.64 12.19 4.91
C ILE B 86 7.41 11.40 5.36
N ARG B 87 6.81 11.82 6.48
CA ARG B 87 5.66 11.15 7.05
C ARG B 87 4.45 12.04 6.90
N PHE B 88 3.33 11.46 6.50
CA PHE B 88 2.06 12.17 6.39
C PHE B 88 1.22 11.61 7.52
N LEU B 89 0.92 12.44 8.51
CA LEU B 89 0.24 12.00 9.71
C LEU B 89 -1.24 12.36 9.69
N ASP B 90 -2.05 11.52 10.33
CA ASP B 90 -3.49 11.70 10.41
C ASP B 90 -3.85 12.32 11.76
N GLU B 91 -5.15 12.45 12.05
CA GLU B 91 -5.66 13.04 13.30
C GLU B 91 -5.15 12.33 14.55
N LYS B 92 -4.91 11.02 14.46
CA LYS B 92 -4.37 10.24 15.57
C LYS B 92 -2.85 10.34 15.65
N GLN B 93 -2.25 11.20 14.82
CA GLN B 93 -0.79 11.37 14.75
C GLN B 93 -0.09 10.07 14.33
N GLU B 94 -0.77 9.28 13.50
CA GLU B 94 -0.24 8.04 12.97
C GLU B 94 0.07 8.27 11.49
N SER B 95 1.11 7.61 10.98
CA SER B 95 1.51 7.81 9.61
C SER B 95 0.58 7.07 8.67
N ALA B 96 -0.09 7.83 7.81
CA ALA B 96 -1.00 7.28 6.81
C ALA B 96 -0.25 6.96 5.54
N LEU B 97 0.92 7.60 5.37
CA LEU B 97 1.78 7.42 4.22
C LEU B 97 3.19 7.87 4.62
N SER B 98 4.19 7.09 4.19
CA SER B 98 5.58 7.44 4.40
C SER B 98 6.29 7.38 3.06
N LEU B 99 7.15 8.35 2.79
CA LEU B 99 7.94 8.35 1.57
C LEU B 99 9.41 8.35 1.98
N PHE B 100 10.15 7.37 1.48
CA PHE B 100 11.59 7.29 1.70
C PHE B 100 12.31 7.51 0.40
N LEU B 101 13.44 8.21 0.43
CA LEU B 101 14.30 8.30 -0.74
C LEU B 101 14.78 6.88 -1.01
N GLN B 102 14.70 6.45 -2.27
CA GLN B 102 15.11 5.12 -2.65
C GLN B 102 16.48 5.13 -3.29
N TRP B 103 17.37 4.37 -2.70
CA TRP B 103 18.74 4.21 -3.19
C TRP B 103 18.79 3.09 -4.23
N GLY B 104 19.89 3.02 -4.96
CA GLY B 104 20.10 1.94 -5.94
C GLY B 104 20.75 0.83 -5.15
N LYS B 105 22.07 0.70 -5.26
CA LYS B 105 22.80 -0.24 -4.43
C LYS B 105 22.72 0.40 -3.04
N PRO B 106 22.76 -0.42 -1.97
CA PRO B 106 22.64 0.11 -0.61
C PRO B 106 23.41 1.40 -0.34
N GLY B 107 22.68 2.44 0.09
CA GLY B 107 23.28 3.73 0.43
C GLY B 107 23.70 4.61 -0.73
N GLU B 108 23.48 4.17 -1.97
CA GLU B 108 23.84 4.97 -3.14
C GLU B 108 22.60 5.70 -3.65
N TYR B 109 22.47 6.95 -3.24
CA TYR B 109 21.34 7.76 -3.66
C TYR B 109 21.58 8.32 -5.04
N GLU B 110 20.49 8.75 -5.69
CA GLU B 110 20.54 9.30 -7.04
C GLU B 110 21.16 10.69 -6.98
N PRO B 111 21.84 11.13 -8.06
CA PRO B 111 22.45 12.45 -8.07
C PRO B 111 21.46 13.56 -7.73
N GLY B 112 21.82 14.38 -6.75
CA GLY B 112 20.98 15.49 -6.31
C GLY B 112 19.75 15.13 -5.50
N GLN B 113 19.56 13.83 -5.25
CA GLN B 113 18.39 13.35 -4.54
C GLN B 113 18.32 13.80 -3.08
N VAL B 114 19.38 13.54 -2.33
CA VAL B 114 19.43 13.95 -0.93
C VAL B 114 19.34 15.48 -0.81
N GLU B 115 19.91 16.18 -1.79
CA GLU B 115 19.85 17.63 -1.81
C GLU B 115 18.42 18.09 -1.99
N ALA B 116 17.68 17.44 -2.90
CA ALA B 116 16.28 17.78 -3.16
C ALA B 116 15.43 17.62 -1.92
N TRP B 117 15.75 16.63 -1.10
CA TRP B 117 15.05 16.36 0.14
C TRP B 117 15.28 17.53 1.13
N HIS B 118 16.54 17.94 1.27
CA HIS B 118 16.88 19.08 2.14
C HIS B 118 16.22 20.38 1.64
N THR B 119 16.21 20.55 0.33
CA THR B 119 15.55 21.69 -0.29
C THR B 119 14.07 21.76 0.09
N LEU B 120 13.36 20.63 0.06
CA LEU B 120 11.96 20.61 0.48
C LEU B 120 11.78 20.91 1.96
N LYS B 121 12.66 20.36 2.77
CA LYS B 121 12.59 20.53 4.22
C LYS B 121 12.83 22.00 4.58
N GLU B 122 13.74 22.63 3.86
CA GLU B 122 14.04 24.05 4.08
C GLU B 122 12.91 24.93 3.58
N LYS B 123 12.26 24.52 2.48
CA LYS B 123 11.17 25.30 1.89
C LYS B 123 9.87 25.18 2.69
N TYR B 124 9.52 23.96 3.12
CA TYR B 124 8.29 23.72 3.86
C TYR B 124 8.43 23.64 5.39
N GLY B 125 9.61 23.28 5.88
CA GLY B 125 9.86 23.18 7.31
C GLY B 125 9.92 21.75 7.84
N GLU B 126 10.63 21.59 8.95
CA GLU B 126 10.85 20.30 9.65
C GLU B 126 9.51 19.55 9.83
N VAL B 127 8.52 20.27 10.34
CA VAL B 127 7.17 19.77 10.56
C VAL B 127 6.23 20.89 10.13
N TRP B 128 5.13 20.56 9.47
CA TRP B 128 4.19 21.58 9.03
C TRP B 128 2.79 21.01 8.88
N GLU B 129 1.78 21.87 8.93
CA GLU B 129 0.38 21.46 8.82
C GLU B 129 -0.21 21.94 7.49
N PRO B 130 -0.90 21.05 6.75
CA PRO B 130 -1.49 21.51 5.49
C PRO B 130 -2.60 22.57 5.65
N LEU B 131 -2.70 23.46 4.66
CA LEU B 131 -3.79 24.44 4.62
C LEU B 131 -5.05 23.69 4.19
N PRO B 132 -6.22 24.31 4.37
CA PRO B 132 -7.42 23.61 3.91
C PRO B 132 -7.27 23.23 2.43
N VAL B 133 -7.73 22.02 2.09
CA VAL B 133 -7.62 21.52 0.72
C VAL B 133 -8.76 22.04 -0.17
N GLN B 134 -8.38 22.61 -1.32
CA GLN B 134 -9.34 23.08 -2.32
C GLN B 134 -8.88 22.52 -3.67
N LEU B 135 -9.77 21.79 -4.35
CA LEU B 135 -9.42 21.18 -5.64
C LEU B 135 -9.90 22.00 -6.83
ZN ZN C . 9.88 -4.18 3.99
C ACT D . -19.12 -13.73 -3.79
O ACT D . -18.69 -14.32 -4.81
OXT ACT D . -18.99 -14.33 -2.71
CH3 ACT D . -19.77 -12.38 -3.85
C ACT E . 1.86 -4.37 10.89
O ACT E . 1.11 -3.55 10.32
OXT ACT E . 1.32 -5.07 11.78
CH3 ACT E . 3.31 -4.48 10.53
ZN ZN F . -7.08 2.91 -7.08
C ACT G . -9.18 6.80 2.57
O ACT G . -9.56 7.82 3.21
OXT ACT G . -8.44 5.99 3.18
CH3 ACT G . -9.61 6.56 1.17
#